data_7SVB
#
_entry.id   7SVB
#
_cell.length_a   71.205
_cell.length_b   65.185
_cell.length_c   91.330
_cell.angle_alpha   90.000
_cell.angle_beta   110.255
_cell.angle_gamma   90.000
#
_symmetry.space_group_name_H-M   'P 1 21 1'
#
loop_
_entity.id
_entity.type
_entity.pdbx_description
1 polymer "DNA (5'-D(P*TP*CP*GP*AP*CP*GP*GP*AP*TP*CP*C)-3')"
2 polymer "DNA (5'-D(*GP*CP*TP*GP*AP*TP*GP*CP*GP*(8OG))-3')"
3 polymer "DNA (5'-D(*GP*GP*AP*TP*CP*CP*GP*TP*CP*GP*AP*CP*CP*GP*CP*AP*TP*CP*AP*GP*C)-3')"
4 polymer 'DNA-(apurinic or apyrimidinic site) lyase'
5 water water
#
loop_
_entity_poly.entity_id
_entity_poly.type
_entity_poly.pdbx_seq_one_letter_code
_entity_poly.pdbx_strand_id
1 'polydeoxyribonucleotide' (DT)(DC)(DG)(DA)(DC)(DG)(DG)(DA)(DT)(DC)(DC) C
2 'polydeoxyribonucleotide' (DG)(DC)(DT)(DG)(DA)(DT)(DG)(DC)(DG)(8OG) D
3 'polydeoxyribonucleotide'
;(DG)(DG)(DA)(DT)(DC)(DC)(DG)(DT)(DC)(DG)(DA)(DC)(DC)(DG)(DC)(DA)(DT)(DC)(DA)(DG)
(DC)
;
E
4 'polypeptide(L)'
;ALYEDPPDQKTSPSGKPATLKICSWNVDGLRAWIKKKGLDWVKEEAPDILCLQQTKCSENKLPAELQELPGLSHQYWSAP
SDKEGYSGVGLLSRQAPLKVSYGIGDEEHDQEGRVIVAEFDSFVLVTAYVPNAGRGLVRLEYRQRWDEAFRKFLKGLASR
KPLVLCGNLNVAHEEIDLRNPKGNKKNAGFTPQERQGFGELLQAVPLADSFRHLYPNTPYAYTFWTYMMNARSKNVGWRL
DYFLLSHSLLPALCDSKIRSKALGSDHCPITLYLAL
;
A,B
#
loop_
_chem_comp.id
_chem_comp.type
_chem_comp.name
_chem_comp.formula
8OG DNA linking 8-OXO-2'-DEOXY-GUANOSINE-5'-MONOPHOSPHATE 'C10 H14 N5 O8 P'
DA DNA linking 2'-DEOXYADENOSINE-5'-MONOPHOSPHATE 'C10 H14 N5 O6 P'
DC DNA linking 2'-DEOXYCYTIDINE-5'-MONOPHOSPHATE 'C9 H14 N3 O7 P'
DG DNA linking 2'-DEOXYGUANOSINE-5'-MONOPHOSPHATE 'C10 H14 N5 O7 P'
DT DNA linking THYMIDINE-5'-MONOPHOSPHATE 'C10 H15 N2 O8 P'
#
# COMPACT_ATOMS: atom_id res chain seq x y z
P 8OG B 10 -8.00 -22.84 -16.64
OP1 8OG B 10 -8.74 -21.57 -16.41
OP2 8OG B 10 -7.15 -22.61 -17.88
O5' 8OG B 10 -7.17 -23.34 -15.33
C5' 8OG B 10 -7.69 -23.12 -14.01
C4' 8OG B 10 -6.92 -23.96 -13.00
O4' 8OG B 10 -7.48 -25.29 -12.97
C3' 8OG B 10 -5.46 -24.21 -13.36
O3' 8OG B 10 -4.61 -23.12 -12.98
C2' 8OG B 10 -5.14 -25.42 -12.50
C1' 8OG B 10 -6.51 -26.07 -12.30
N9 8OG B 10 -6.68 -27.47 -12.77
C8 8OG B 10 -6.49 -28.00 -14.16
N7 8OG B 10 -6.76 -29.32 -14.14
C5 8OG B 10 -7.13 -29.69 -12.80
C6 8OG B 10 -7.49 -30.92 -12.26
O6 8OG B 10 -7.54 -31.94 -12.98
N1 8OG B 10 -7.80 -31.06 -10.96
C2 8OG B 10 -7.73 -29.93 -10.21
N2 8OG B 10 -8.03 -30.06 -8.92
N3 8OG B 10 -7.38 -28.70 -10.65
C4 8OG B 10 -7.08 -28.58 -11.96
O8 8OG B 10 -6.17 -27.40 -15.09
N ALA D 1 -6.70 29.92 11.82
CA ALA D 1 -7.79 29.34 12.63
C ALA D 1 -7.25 28.30 13.58
N LEU D 2 -7.98 28.09 14.68
CA LEU D 2 -7.63 27.10 15.69
C LEU D 2 -8.06 25.71 15.23
N TYR D 3 -7.52 24.69 15.90
CA TYR D 3 -7.74 23.32 15.45
C TYR D 3 -8.05 22.42 16.63
N GLU D 4 -9.07 21.59 16.48
CA GLU D 4 -9.44 20.59 17.47
C GLU D 4 -9.32 19.18 16.88
N ASP D 5 -8.37 18.42 17.38
CA ASP D 5 -8.20 17.03 17.00
C ASP D 5 -9.45 16.26 17.40
N PRO D 6 -10.04 15.48 16.50
CA PRO D 6 -11.28 14.75 16.82
C PRO D 6 -11.02 13.65 17.83
N PRO D 7 -12.06 13.07 18.43
CA PRO D 7 -11.89 11.94 19.37
C PRO D 7 -11.06 10.82 18.79
N ASP D 8 -10.45 10.04 19.67
CA ASP D 8 -9.65 8.89 19.24
C ASP D 8 -10.56 7.81 18.68
N GLN D 9 -10.33 7.43 17.43
CA GLN D 9 -10.95 6.22 16.88
C GLN D 9 -10.12 5.02 17.29
N LYS D 10 -10.67 4.16 18.14
CA LYS D 10 -9.93 3.00 18.63
C LYS D 10 -10.44 1.70 18.04
N THR D 11 -11.28 1.77 17.01
CA THR D 11 -11.68 0.59 16.27
C THR D 11 -11.19 0.70 14.84
N SER D 12 -10.77 -0.44 14.28
CA SER D 12 -10.26 -0.47 12.92
C SER D 12 -11.41 -0.49 11.93
N PRO D 13 -11.14 -0.30 10.64
CA PRO D 13 -12.25 -0.45 9.67
C PRO D 13 -12.90 -1.80 9.75
N SER D 14 -12.11 -2.86 9.94
CA SER D 14 -12.70 -4.17 10.11
C SER D 14 -13.39 -4.35 11.44
N GLY D 15 -13.58 -3.35 12.30
CA GLY D 15 -14.15 -3.62 13.60
C GLY D 15 -13.19 -4.17 14.65
N LYS D 16 -11.89 -4.27 14.33
CA LYS D 16 -10.92 -4.80 15.30
C LYS D 16 -10.48 -3.71 16.27
N PRO D 17 -10.40 -4.00 17.56
CA PRO D 17 -9.97 -2.99 18.53
C PRO D 17 -8.46 -2.75 18.50
N ALA D 18 -8.07 -1.48 18.59
CA ALA D 18 -6.67 -1.09 18.62
C ALA D 18 -5.92 -1.89 19.68
N THR D 19 -4.77 -2.43 19.31
CA THR D 19 -3.94 -3.20 20.23
C THR D 19 -2.58 -2.56 20.49
N LEU D 20 -2.23 -1.51 19.76
CA LEU D 20 -0.90 -0.93 19.86
C LEU D 20 -1.04 0.58 19.81
N LYS D 21 -0.47 1.25 20.80
CA LYS D 21 -0.52 2.70 20.92
C LYS D 21 0.91 3.21 20.87
N ILE D 22 1.27 3.91 19.79
CA ILE D 22 2.60 4.48 19.63
C ILE D 22 2.50 5.99 19.75
N CYS D 23 3.40 6.58 20.55
CA CYS D 23 3.46 8.03 20.67
C CYS D 23 4.84 8.54 20.26
N SER D 24 4.86 9.60 19.47
CA SER D 24 6.09 10.19 18.98
C SER D 24 6.09 11.66 19.32
N TRP D 25 7.24 12.16 19.78
CA TRP D 25 7.31 13.52 20.31
C TRP D 25 8.70 14.07 20.10
N ASN D 26 8.80 15.18 19.37
CA ASN D 26 10.05 15.91 19.24
C ASN D 26 10.17 16.83 20.45
N VAL D 27 10.92 16.37 21.46
CA VAL D 27 10.89 17.04 22.75
C VAL D 27 11.81 18.25 22.82
N ASP D 28 12.76 18.37 21.90
CA ASP D 28 13.58 19.57 21.74
C ASP D 28 14.20 19.99 23.08
N GLY D 29 15.08 19.12 23.56
CA GLY D 29 15.65 19.24 24.89
C GLY D 29 14.99 18.33 25.90
N LEU D 30 15.46 17.10 25.99
CA LEU D 30 14.84 16.09 26.89
C LEU D 30 14.82 16.59 28.33
N ARG D 31 15.95 17.16 28.83
CA ARG D 31 15.99 17.52 30.23
C ARG D 31 15.00 18.64 30.55
N ALA D 32 14.93 19.65 29.69
CA ALA D 32 13.94 20.70 29.89
C ALA D 32 12.52 20.16 29.77
N TRP D 33 12.26 19.41 28.69
CA TRP D 33 10.94 18.80 28.47
C TRP D 33 10.48 18.04 29.71
N ILE D 34 11.40 17.31 30.34
CA ILE D 34 11.11 16.63 31.61
C ILE D 34 10.78 17.64 32.70
N LYS D 35 11.56 18.73 32.79
CA LYS D 35 11.25 19.76 33.79
C LYS D 35 9.87 20.38 33.53
N LYS D 36 9.46 20.50 32.26
CA LYS D 36 8.14 21.00 31.95
C LYS D 36 7.08 19.91 32.03
N LYS D 37 7.37 18.80 32.68
CA LYS D 37 6.39 17.82 33.12
C LYS D 37 5.88 17.00 31.93
N GLY D 38 6.79 16.73 31.00
CA GLY D 38 6.47 15.98 29.80
C GLY D 38 6.20 14.52 30.11
N LEU D 39 6.97 13.93 31.04
CA LEU D 39 6.78 12.52 31.37
C LEU D 39 5.46 12.29 32.08
N ASP D 40 4.99 13.27 32.85
CA ASP D 40 3.64 13.21 33.41
C ASP D 40 2.61 13.01 32.32
N TRP D 41 2.67 13.85 31.28
CA TRP D 41 1.76 13.71 30.16
C TRP D 41 1.86 12.32 29.54
N VAL D 42 3.09 11.81 29.42
CA VAL D 42 3.29 10.49 28.81
C VAL D 42 2.66 9.40 29.65
N LYS D 43 2.74 9.51 30.98
CA LYS D 43 2.05 8.54 31.84
C LYS D 43 0.55 8.56 31.58
N GLU D 44 -0.05 9.75 31.50
CA GLU D 44 -1.48 9.81 31.22
C GLU D 44 -1.83 9.24 29.84
N GLU D 45 -0.99 9.48 28.84
CA GLU D 45 -1.28 8.96 27.50
C GLU D 45 -1.03 7.47 27.43
N ALA D 46 -0.13 6.96 28.29
CA ALA D 46 0.12 5.53 28.45
C ALA D 46 0.30 4.76 27.13
N PRO D 47 1.28 5.12 26.31
CA PRO D 47 1.51 4.37 25.06
C PRO D 47 2.29 3.10 25.31
N ASP D 48 2.20 2.18 24.35
CA ASP D 48 3.02 0.97 24.43
C ASP D 48 4.44 1.26 24.01
N ILE D 49 4.62 2.23 23.13
CA ILE D 49 5.93 2.62 22.63
C ILE D 49 5.97 4.13 22.58
N LEU D 50 7.15 4.68 22.82
CA LEU D 50 7.37 6.11 22.86
C LEU D 50 8.66 6.42 22.10
N CYS D 51 8.53 7.19 21.04
CA CYS D 51 9.67 7.65 20.27
C CYS D 51 9.86 9.14 20.56
N LEU D 52 11.10 9.54 20.84
CA LEU D 52 11.43 10.90 21.21
C LEU D 52 12.48 11.43 20.27
N GLN D 53 12.32 12.65 19.80
CA GLN D 53 13.30 13.20 18.88
C GLN D 53 13.87 14.50 19.45
N GLN D 54 15.09 14.82 19.01
CA GLN D 54 15.82 16.02 19.38
C GLN D 54 16.03 16.05 20.91
N THR D 55 16.70 15.03 21.40
CA THR D 55 16.83 14.85 22.85
C THR D 55 17.88 15.77 23.46
N LYS D 56 18.91 16.13 22.70
CA LYS D 56 20.01 16.96 23.15
C LYS D 56 20.46 16.55 24.55
N CYS D 57 20.90 15.29 24.64
CA CYS D 57 21.25 14.73 25.93
C CYS D 57 22.03 13.46 25.69
N SER D 58 23.25 13.39 26.22
CA SER D 58 24.01 12.16 26.17
C SER D 58 23.42 11.12 27.13
N GLU D 59 23.81 9.86 26.93
CA GLU D 59 23.33 8.78 27.78
C GLU D 59 23.67 9.03 29.24
N ASN D 60 24.91 9.44 29.51
CA ASN D 60 25.30 9.58 30.91
C ASN D 60 24.58 10.73 31.61
N LYS D 61 23.85 11.57 30.87
CA LYS D 61 23.13 12.68 31.46
C LYS D 61 21.62 12.47 31.48
N LEU D 62 21.14 11.24 31.23
CA LEU D 62 19.70 10.99 31.20
C LEU D 62 19.10 11.13 32.60
N PRO D 63 18.02 11.90 32.74
CA PRO D 63 17.47 12.16 34.08
C PRO D 63 16.89 10.93 34.76
N ALA D 64 16.87 10.99 36.10
CA ALA D 64 16.46 9.84 36.90
C ALA D 64 15.00 9.50 36.69
N GLU D 65 14.15 10.48 36.38
CA GLU D 65 12.73 10.22 36.18
C GLU D 65 12.46 9.14 35.12
N LEU D 66 13.39 8.90 34.20
CA LEU D 66 13.17 7.87 33.18
C LEU D 66 13.16 6.46 33.75
N GLN D 67 13.64 6.25 34.98
CA GLN D 67 13.50 4.98 35.68
C GLN D 67 12.19 4.90 36.45
N GLU D 68 11.36 5.92 36.39
CA GLU D 68 10.04 5.91 37.01
C GLU D 68 8.95 5.61 35.98
N LEU D 69 9.26 4.77 34.98
CA LEU D 69 8.37 4.52 33.85
C LEU D 69 8.17 3.03 33.70
N PRO D 70 7.33 2.43 34.55
CA PRO D 70 7.20 0.96 34.54
C PRO D 70 6.63 0.40 33.25
N GLY D 71 5.81 1.18 32.55
CA GLY D 71 5.27 0.76 31.28
C GLY D 71 6.18 0.90 30.09
N LEU D 72 7.39 1.45 30.26
CA LEU D 72 8.30 1.73 29.15
C LEU D 72 9.73 1.41 29.57
N SER D 73 9.97 0.17 30.01
CA SER D 73 11.23 -0.19 30.67
C SER D 73 12.35 -0.54 29.72
N HIS D 74 12.04 -0.92 28.49
CA HIS D 74 13.07 -1.16 27.49
C HIS D 74 13.31 0.16 26.76
N GLN D 75 14.51 0.71 26.92
CA GLN D 75 14.78 2.08 26.49
C GLN D 75 16.07 2.09 25.69
N TYR D 76 16.03 2.75 24.54
CA TYR D 76 17.11 2.72 23.57
C TYR D 76 17.42 4.14 23.16
N TRP D 77 18.69 4.51 23.16
CA TRP D 77 19.09 5.89 22.95
C TRP D 77 20.17 5.97 21.91
N SER D 78 20.22 7.10 21.22
CA SER D 78 21.27 7.35 20.25
C SER D 78 21.54 8.85 20.21
N ALA D 79 22.81 9.22 20.43
CA ALA D 79 23.22 10.65 20.37
C ALA D 79 24.39 10.82 19.39
N PRO D 80 24.60 12.01 18.79
CA PRO D 80 25.75 12.26 17.89
C PRO D 80 27.12 11.81 18.39
N SER D 81 28.01 11.45 17.46
CA SER D 81 29.38 10.99 17.83
C SER D 81 30.18 12.12 18.47
N ASP D 82 29.91 13.39 18.11
CA ASP D 82 30.75 14.50 18.61
C ASP D 82 29.93 15.68 19.14
N LYS D 83 29.00 16.23 18.34
CA LYS D 83 28.30 17.43 18.76
C LYS D 83 27.52 17.23 20.05
N GLU D 84 27.94 17.92 21.10
CA GLU D 84 27.27 17.82 22.41
C GLU D 84 25.99 18.66 22.41
N GLY D 85 24.93 18.14 23.02
CA GLY D 85 23.67 18.86 23.07
C GLY D 85 23.05 19.10 21.71
N TYR D 86 23.14 18.12 20.82
CA TYR D 86 22.67 18.23 19.44
C TYR D 86 21.90 16.97 19.08
N SER D 87 20.83 17.13 18.31
CA SER D 87 20.11 15.98 17.76
C SER D 87 19.75 14.99 18.87
N GLY D 88 19.91 13.70 18.62
CA GLY D 88 19.60 12.71 19.62
C GLY D 88 18.17 12.22 19.58
N VAL D 89 18.00 10.90 19.57
CA VAL D 89 16.68 10.27 19.49
C VAL D 89 16.58 9.16 20.52
N GLY D 90 15.35 8.84 20.90
CA GLY D 90 15.12 7.76 21.86
C GLY D 90 13.90 6.94 21.51
N LEU D 91 13.92 5.68 21.96
CA LEU D 91 12.83 4.75 21.75
C LEU D 91 12.63 3.97 23.04
N LEU D 92 11.42 4.04 23.59
CA LEU D 92 11.05 3.35 24.82
C LEU D 92 9.86 2.46 24.48
N SER D 93 9.94 1.17 24.85
CA SER D 93 8.91 0.20 24.52
CA SER D 93 8.91 0.20 24.52
C SER D 93 8.52 -0.62 25.74
N ARG D 94 7.22 -0.86 25.89
CA ARG D 94 6.72 -1.69 26.98
C ARG D 94 7.31 -3.10 26.89
N GLN D 95 7.29 -3.70 25.72
CA GLN D 95 7.84 -5.02 25.52
C GLN D 95 9.15 -4.91 24.78
N ALA D 96 10.09 -5.76 25.13
CA ALA D 96 11.36 -5.80 24.42
C ALA D 96 11.13 -5.99 22.93
N PRO D 97 11.69 -5.13 22.07
CA PRO D 97 11.73 -5.44 20.64
C PRO D 97 12.55 -6.69 20.38
N LEU D 98 12.27 -7.33 19.24
CA LEU D 98 13.10 -8.45 18.80
C LEU D 98 14.54 -8.03 18.57
N LYS D 99 14.75 -6.80 18.12
CA LYS D 99 16.07 -6.33 17.72
C LYS D 99 15.99 -4.83 17.63
N VAL D 100 17.14 -4.17 17.85
CA VAL D 100 17.24 -2.72 17.80
C VAL D 100 18.52 -2.38 17.08
N SER D 101 18.43 -1.56 16.05
CA SER D 101 19.61 -1.07 15.35
C SER D 101 19.61 0.47 15.38
N TYR D 102 20.65 1.06 14.79
CA TYR D 102 20.85 2.50 14.84
C TYR D 102 21.38 2.96 13.49
N GLY D 103 20.85 4.09 13.00
CA GLY D 103 21.29 4.65 11.74
C GLY D 103 20.65 3.95 10.56
N ILE D 104 20.97 4.44 9.37
CA ILE D 104 20.38 3.91 8.15
C ILE D 104 21.39 3.08 7.37
N GLY D 105 22.45 2.58 8.00
CA GLY D 105 23.42 1.77 7.29
C GLY D 105 24.27 2.53 6.30
N ASP D 106 24.59 3.78 6.61
CA ASP D 106 25.39 4.62 5.72
C ASP D 106 26.13 5.61 6.61
N GLU D 107 27.46 5.48 6.66
CA GLU D 107 28.26 6.21 7.65
C GLU D 107 28.17 7.73 7.47
N GLU D 108 28.01 8.22 6.24
CA GLU D 108 27.87 9.66 6.04
C GLU D 108 26.70 10.21 6.84
N HIS D 109 25.68 9.40 7.06
CA HIS D 109 24.44 9.87 7.66
C HIS D 109 24.20 9.34 9.07
N ASP D 110 25.08 8.51 9.62
CA ASP D 110 24.85 7.88 10.91
C ASP D 110 25.64 8.55 12.03
N GLN D 111 26.22 9.73 11.78
CA GLN D 111 27.11 10.36 12.73
C GLN D 111 26.39 11.29 13.71
N GLU D 112 25.08 11.50 13.55
CA GLU D 112 24.37 12.49 14.35
C GLU D 112 23.21 11.93 15.17
N GLY D 113 23.21 10.63 15.47
CA GLY D 113 22.20 10.06 16.34
C GLY D 113 20.77 10.44 15.98
N ARG D 114 20.38 10.17 14.73
CA ARG D 114 19.11 10.61 14.18
C ARG D 114 18.09 9.49 13.99
N VAL D 115 18.48 8.22 14.10
CA VAL D 115 17.63 7.10 13.68
C VAL D 115 17.80 5.91 14.61
N ILE D 116 16.69 5.32 15.02
CA ILE D 116 16.68 4.05 15.74
C ILE D 116 15.69 3.13 15.04
N VAL D 117 16.04 1.86 14.91
CA VAL D 117 15.19 0.87 14.24
C VAL D 117 14.89 -0.26 15.22
N ALA D 118 13.60 -0.54 15.42
CA ALA D 118 13.14 -1.50 16.42
C ALA D 118 12.22 -2.52 15.78
N GLU D 119 12.71 -3.74 15.57
CA GLU D 119 11.91 -4.77 14.90
C GLU D 119 11.05 -5.50 15.92
N PHE D 120 9.76 -5.65 15.62
CA PHE D 120 8.83 -6.40 16.44
C PHE D 120 8.34 -7.60 15.66
N ASP D 121 7.39 -8.34 16.23
CA ASP D 121 6.83 -9.52 15.56
C ASP D 121 6.25 -9.16 14.21
N SER D 122 5.22 -8.29 14.21
CA SER D 122 4.40 -7.96 13.05
C SER D 122 4.97 -6.84 12.18
N PHE D 123 5.89 -6.02 12.69
CA PHE D 123 6.29 -4.86 11.92
C PHE D 123 7.65 -4.39 12.40
N VAL D 124 8.24 -3.47 11.65
CA VAL D 124 9.45 -2.79 12.03
C VAL D 124 9.13 -1.30 12.19
N LEU D 125 9.64 -0.72 13.27
CA LEU D 125 9.39 0.67 13.63
C LEU D 125 10.70 1.43 13.48
N VAL D 126 10.69 2.49 12.68
CA VAL D 126 11.79 3.43 12.59
C VAL D 126 11.31 4.75 13.14
N THR D 127 12.11 5.37 14.02
CA THR D 127 11.89 6.74 14.42
C THR D 127 13.09 7.59 13.99
N ALA D 128 12.81 8.80 13.52
CA ALA D 128 13.84 9.60 12.86
C ALA D 128 13.73 11.07 13.24
N TYR D 129 14.90 11.71 13.35
CA TYR D 129 15.02 13.18 13.42
C TYR D 129 15.70 13.59 12.12
N VAL D 130 14.91 14.00 11.15
CA VAL D 130 15.43 14.30 9.81
C VAL D 130 16.21 15.61 9.86
N PRO D 131 17.40 15.68 9.25
CA PRO D 131 18.21 16.91 9.31
C PRO D 131 17.49 18.12 8.75
N ASN D 132 17.33 19.12 9.60
CA ASN D 132 16.80 20.40 9.16
C ASN D 132 17.73 21.03 8.14
N ALA D 133 17.14 21.65 7.11
CA ALA D 133 17.92 22.32 6.07
C ALA D 133 18.57 23.62 6.56
N GLY D 134 18.15 24.16 7.69
CA GLY D 134 18.86 25.25 8.34
C GLY D 134 18.52 26.61 7.75
N ARG D 135 18.80 27.64 8.54
CA ARG D 135 18.60 29.02 8.09
C ARG D 135 19.46 29.30 6.87
N GLY D 136 18.91 30.07 5.93
CA GLY D 136 19.61 30.33 4.70
C GLY D 136 19.85 29.11 3.84
N LEU D 137 19.15 28.01 4.11
CA LEU D 137 19.26 26.80 3.31
C LEU D 137 20.70 26.28 3.29
N VAL D 138 21.43 26.56 4.37
CA VAL D 138 22.85 26.26 4.43
C VAL D 138 23.12 24.76 4.35
N ARG D 139 22.12 23.92 4.63
CA ARG D 139 22.27 22.47 4.57
C ARG D 139 21.31 21.84 3.58
N LEU D 140 20.75 22.62 2.67
CA LEU D 140 19.74 22.07 1.78
C LEU D 140 20.31 20.95 0.92
N GLU D 141 21.53 21.13 0.43
CA GLU D 141 22.11 20.11 -0.45
C GLU D 141 22.42 18.82 0.34
N TYR D 142 22.95 18.95 1.56
CA TYR D 142 23.13 17.77 2.38
C TYR D 142 21.79 17.08 2.67
N ARG D 143 20.75 17.87 2.94
CA ARG D 143 19.44 17.27 3.22
C ARG D 143 18.91 16.49 2.02
N GLN D 144 19.10 17.03 0.82
CA GLN D 144 18.74 16.29 -0.39
C GLN D 144 19.50 14.97 -0.45
N ARG D 145 20.77 14.97 -0.05
CA ARG D 145 21.50 13.71 0.03
C ARG D 145 20.87 12.79 1.07
N TRP D 146 20.45 13.33 2.21
CA TRP D 146 19.84 12.50 3.24
C TRP D 146 18.54 11.87 2.72
N ASP D 147 17.67 12.67 2.12
CA ASP D 147 16.36 12.20 1.70
C ASP D 147 16.50 10.99 0.77
N GLU D 148 17.50 10.99 -0.10
CA GLU D 148 17.66 9.90 -1.03
C GLU D 148 18.17 8.64 -0.32
N ALA D 149 19.24 8.77 0.48
CA ALA D 149 19.73 7.60 1.21
C ALA D 149 18.67 7.09 2.17
N PHE D 150 17.91 7.99 2.78
CA PHE D 150 16.85 7.58 3.69
C PHE D 150 15.76 6.84 2.93
N ARG D 151 15.34 7.39 1.79
CA ARG D 151 14.35 6.75 0.93
C ARG D 151 14.75 5.32 0.60
N LYS D 152 15.93 5.14 0.00
CA LYS D 152 16.39 3.82 -0.36
C LYS D 152 16.42 2.90 0.86
N PHE D 153 16.88 3.42 1.99
CA PHE D 153 16.94 2.59 3.19
C PHE D 153 15.55 2.12 3.61
N LEU D 154 14.57 3.02 3.57
CA LEU D 154 13.23 2.64 4.00
C LEU D 154 12.58 1.70 2.99
N LYS D 155 12.80 1.94 1.69
CA LYS D 155 12.33 0.99 0.69
C LYS D 155 12.85 -0.41 0.99
N GLY D 156 14.13 -0.53 1.34
CA GLY D 156 14.66 -1.82 1.72
C GLY D 156 13.91 -2.43 2.89
N LEU D 157 13.69 -1.63 3.95
CA LEU D 157 12.98 -2.14 5.12
C LEU D 157 11.58 -2.64 4.75
N ALA D 158 10.84 -1.84 3.98
CA ALA D 158 9.44 -2.16 3.74
C ALA D 158 9.30 -3.38 2.84
N SER D 159 10.33 -3.65 2.02
CA SER D 159 10.23 -4.75 1.08
C SER D 159 10.10 -6.09 1.77
N ARG D 160 10.52 -6.20 3.03
CA ARG D 160 10.39 -7.46 3.75
C ARG D 160 9.40 -7.43 4.89
N LYS D 161 9.22 -6.35 5.57
CA LYS D 161 8.30 -6.30 6.73
C LYS D 161 7.49 -5.00 6.73
N PRO D 162 6.21 -4.99 7.20
CA PRO D 162 5.42 -3.75 7.31
C PRO D 162 6.24 -2.67 8.05
N LEU D 163 6.18 -1.42 7.59
CA LEU D 163 7.08 -0.39 8.17
C LEU D 163 6.35 0.84 8.70
N VAL D 164 6.44 1.09 10.01
CA VAL D 164 5.93 2.35 10.56
C VAL D 164 7.13 3.28 10.69
N LEU D 165 7.03 4.48 10.11
CA LEU D 165 8.03 5.53 10.25
C LEU D 165 7.40 6.70 10.99
N CYS D 166 8.02 7.11 12.11
CA CYS D 166 7.57 8.26 12.87
C CYS D 166 8.74 9.18 13.17
N GLY D 167 8.40 10.41 13.49
CA GLY D 167 9.37 11.36 13.99
C GLY D 167 9.17 12.72 13.36
N ASN D 168 10.13 13.59 13.66
CA ASN D 168 10.17 14.89 13.04
C ASN D 168 10.81 14.74 11.68
N LEU D 169 10.01 14.77 10.63
CA LEU D 169 10.58 14.60 9.30
C LEU D 169 10.99 15.92 8.68
N ASN D 170 10.85 17.04 9.40
CA ASN D 170 11.37 18.34 8.97
C ASN D 170 10.95 18.72 7.54
N VAL D 171 9.68 18.49 7.22
CA VAL D 171 9.07 19.03 6.01
C VAL D 171 7.57 19.05 6.21
N ALA D 172 6.93 20.08 5.67
CA ALA D 172 5.48 20.11 5.53
C ALA D 172 5.17 19.77 4.07
N HIS D 173 4.54 18.61 3.85
CA HIS D 173 4.40 18.09 2.49
C HIS D 173 3.75 19.09 1.54
N GLU D 174 2.53 19.53 1.87
CA GLU D 174 1.72 20.35 0.98
C GLU D 174 1.33 21.66 1.66
N GLU D 175 0.70 22.54 0.89
CA GLU D 175 0.32 23.84 1.41
C GLU D 175 -0.63 23.70 2.59
N ILE D 176 -1.43 22.64 2.60
CA ILE D 176 -2.31 22.39 3.72
C ILE D 176 -1.55 22.05 5.00
N ASP D 177 -0.25 21.76 4.91
CA ASP D 177 0.49 21.32 6.08
C ASP D 177 1.21 22.44 6.84
N LEU D 178 1.03 23.70 6.46
CA LEU D 178 1.59 24.79 7.27
C LEU D 178 0.74 26.02 7.10
N ARG D 179 0.83 26.94 8.07
CA ARG D 179 -0.06 28.09 8.05
C ARG D 179 0.27 29.05 6.91
N ASN D 180 1.57 29.27 6.65
CA ASN D 180 2.04 30.30 5.71
C ASN D 180 2.85 29.67 4.57
N PRO D 181 2.20 28.95 3.65
CA PRO D 181 2.97 28.35 2.54
C PRO D 181 3.59 29.39 1.62
N LYS D 182 2.87 30.49 1.34
CA LYS D 182 3.44 31.56 0.52
C LYS D 182 4.74 32.08 1.12
N GLY D 183 4.72 32.40 2.40
CA GLY D 183 5.88 33.00 3.04
C GLY D 183 7.07 32.09 3.18
N ASN D 184 6.91 30.77 2.99
CA ASN D 184 7.96 29.82 3.33
C ASN D 184 8.41 28.99 2.13
N LYS D 185 8.13 29.44 0.91
CA LYS D 185 8.48 28.65 -0.27
C LYS D 185 10.00 28.49 -0.41
N LYS D 186 10.80 29.36 0.23
CA LYS D 186 12.26 29.27 0.23
C LYS D 186 12.86 29.01 1.62
N ASN D 187 12.05 28.64 2.61
CA ASN D 187 12.58 28.36 3.94
C ASN D 187 12.67 26.87 4.23
N ALA D 188 13.57 26.51 5.13
CA ALA D 188 13.74 25.12 5.52
C ALA D 188 12.39 24.50 5.86
N GLY D 189 12.15 23.31 5.34
CA GLY D 189 10.94 22.59 5.63
C GLY D 189 9.82 22.79 4.63
N PHE D 190 9.93 23.76 3.71
CA PHE D 190 8.93 23.91 2.66
C PHE D 190 9.56 24.32 1.34
N THR D 191 10.83 23.99 1.12
CA THR D 191 11.42 24.19 -0.18
C THR D 191 10.87 23.15 -1.15
N PRO D 192 10.86 23.45 -2.45
CA PRO D 192 10.42 22.43 -3.42
C PRO D 192 11.20 21.14 -3.30
N GLN D 193 12.51 21.22 -3.07
CA GLN D 193 13.28 19.98 -2.99
C GLN D 193 12.86 19.14 -1.78
N GLU D 194 12.55 19.78 -0.64
CA GLU D 194 12.08 19.00 0.49
C GLU D 194 10.71 18.39 0.23
N ARG D 195 9.79 19.18 -0.36
CA ARG D 195 8.48 18.66 -0.68
C ARG D 195 8.57 17.49 -1.66
N GLN D 196 9.28 17.68 -2.77
CA GLN D 196 9.55 16.57 -3.69
C GLN D 196 10.19 15.39 -2.96
N GLY D 197 11.15 15.66 -2.08
CA GLY D 197 11.76 14.57 -1.33
C GLY D 197 10.73 13.75 -0.59
N PHE D 198 9.83 14.43 0.12
CA PHE D 198 8.77 13.73 0.85
C PHE D 198 7.87 12.96 -0.11
N GLY D 199 7.43 13.64 -1.18
CA GLY D 199 6.55 12.99 -2.14
C GLY D 199 7.17 11.75 -2.74
N GLU D 200 8.45 11.82 -3.10
CA GLU D 200 9.16 10.65 -3.58
C GLU D 200 9.09 9.52 -2.57
N LEU D 201 9.34 9.84 -1.30
CA LEU D 201 9.29 8.81 -0.26
C LEU D 201 7.96 8.09 -0.28
N LEU D 202 6.86 8.84 -0.40
CA LEU D 202 5.53 8.23 -0.43
C LEU D 202 5.34 7.36 -1.66
N GLN D 203 5.92 7.74 -2.81
CA GLN D 203 5.74 6.96 -4.04
C GLN D 203 6.69 5.77 -4.08
N ALA D 204 7.93 5.95 -3.62
CA ALA D 204 8.97 4.96 -3.88
C ALA D 204 8.84 3.74 -2.99
N VAL D 205 8.62 3.95 -1.69
CA VAL D 205 8.72 2.86 -0.72
C VAL D 205 7.66 1.79 -0.96
N PRO D 206 6.37 2.10 -1.09
CA PRO D 206 5.65 3.36 -0.91
C PRO D 206 5.19 3.45 0.54
N LEU D 207 4.66 4.60 0.94
CA LEU D 207 4.22 4.82 2.31
C LEU D 207 3.02 5.76 2.28
N ALA D 208 2.06 5.51 3.15
CA ALA D 208 0.94 6.41 3.34
C ALA D 208 1.24 7.35 4.51
N ASP D 209 0.96 8.63 4.32
CA ASP D 209 0.90 9.60 5.42
C ASP D 209 -0.37 9.30 6.21
N SER D 210 -0.20 8.74 7.42
CA SER D 210 -1.36 8.19 8.14
C SER D 210 -2.41 9.26 8.39
N PHE D 211 -2.02 10.39 8.95
CA PHE D 211 -2.99 11.44 9.25
C PHE D 211 -3.73 11.88 8.00
N ARG D 212 -2.98 12.24 6.94
CA ARG D 212 -3.60 12.75 5.74
C ARG D 212 -4.50 11.71 5.08
N HIS D 213 -4.14 10.42 5.19
CA HIS D 213 -5.04 9.38 4.70
C HIS D 213 -6.38 9.43 5.41
N LEU D 214 -6.38 9.73 6.71
CA LEU D 214 -7.62 9.73 7.47
C LEU D 214 -8.36 11.07 7.39
N TYR D 215 -7.66 12.17 7.20
CA TYR D 215 -8.29 13.50 7.16
C TYR D 215 -7.77 14.28 5.96
N PRO D 216 -8.08 13.83 4.74
CA PRO D 216 -7.52 14.48 3.55
C PRO D 216 -7.88 15.94 3.40
N ASN D 217 -8.97 16.42 4.01
CA ASN D 217 -9.41 17.80 3.80
C ASN D 217 -9.27 18.67 5.05
N THR D 218 -8.52 18.21 6.05
CA THR D 218 -8.42 18.94 7.31
C THR D 218 -7.26 19.93 7.29
N PRO D 219 -7.51 21.23 7.28
CA PRO D 219 -6.41 22.19 7.38
C PRO D 219 -6.18 22.61 8.82
N TYR D 220 -5.16 23.44 9.03
CA TYR D 220 -4.83 24.04 10.33
C TYR D 220 -4.36 23.01 11.35
N ALA D 221 -3.90 21.85 10.90
CA ALA D 221 -3.47 20.76 11.78
C ALA D 221 -1.95 20.70 11.75
N TYR D 222 -1.31 21.10 12.84
CA TYR D 222 0.12 21.29 12.83
C TYR D 222 0.73 20.61 14.05
N THR D 223 2.02 20.30 13.98
CA THR D 223 2.72 19.71 15.12
C THR D 223 3.90 20.51 15.61
N PHE D 224 4.19 21.67 15.00
CA PHE D 224 5.29 22.52 15.44
C PHE D 224 4.88 23.97 15.25
N TRP D 225 5.26 24.81 16.21
CA TRP D 225 5.06 26.25 16.12
C TRP D 225 6.28 26.92 16.70
N THR D 226 6.82 27.91 15.99
CA THR D 226 7.97 28.63 16.54
C THR D 226 7.66 29.15 17.93
N TYR D 227 8.68 29.09 18.81
CA TYR D 227 8.61 29.75 20.11
C TYR D 227 8.41 31.25 19.97
N MET D 228 8.78 31.82 18.83
CA MET D 228 8.72 33.26 18.68
C MET D 228 7.31 33.73 18.29
N MET D 229 7.08 35.03 18.50
CA MET D 229 5.93 35.76 17.97
C MET D 229 4.60 35.14 18.41
N ASN D 230 4.61 34.41 19.53
CA ASN D 230 3.41 33.82 20.07
C ASN D 230 2.71 32.87 19.09
N ALA D 231 3.50 32.19 18.27
CA ALA D 231 2.91 31.47 17.15
C ALA D 231 1.95 30.38 17.60
N ARG D 232 2.28 29.66 18.68
CA ARG D 232 1.45 28.51 19.01
C ARG D 232 0.04 28.93 19.43
N SER D 233 -0.09 30.04 20.15
CA SER D 233 -1.42 30.45 20.58
C SER D 233 -2.24 30.99 19.42
N LYS D 234 -1.61 31.46 18.35
CA LYS D 234 -2.35 31.83 17.15
C LYS D 234 -2.46 30.68 16.16
N ASN D 235 -1.84 29.53 16.46
CA ASN D 235 -1.83 28.35 15.60
C ASN D 235 -1.18 28.67 14.25
N VAL D 236 -0.14 29.49 14.26
CA VAL D 236 0.73 29.66 13.10
C VAL D 236 1.78 28.55 13.22
N GLY D 237 1.53 27.41 12.56
CA GLY D 237 2.36 26.24 12.76
C GLY D 237 2.64 25.48 11.48
N TRP D 238 3.46 24.44 11.61
CA TRP D 238 3.78 23.48 10.57
C TRP D 238 3.43 22.07 11.05
N ARG D 239 2.95 21.22 10.13
CA ARG D 239 2.85 19.78 10.42
C ARG D 239 4.14 19.11 9.98
N LEU D 240 5.04 18.85 10.93
CA LEU D 240 6.34 18.25 10.63
C LEU D 240 6.49 16.86 11.17
N ASP D 241 5.53 16.37 11.94
CA ASP D 241 5.67 15.11 12.64
C ASP D 241 4.62 14.14 12.10
N TYR D 242 5.08 12.98 11.66
CA TYR D 242 4.24 12.09 10.86
C TYR D 242 4.30 10.67 11.41
N PHE D 243 3.29 9.88 11.05
CA PHE D 243 3.40 8.41 11.04
C PHE D 243 3.22 7.99 9.60
N LEU D 244 4.27 7.47 8.99
CA LEU D 244 4.14 6.91 7.64
C LEU D 244 4.08 5.38 7.72
N LEU D 245 3.19 4.78 6.92
CA LEU D 245 2.88 3.36 7.06
C LEU D 245 3.00 2.65 5.72
N SER D 246 3.51 1.42 5.75
CA SER D 246 3.30 0.51 4.64
C SER D 246 1.81 0.41 4.35
N HIS D 247 1.47 0.30 3.07
CA HIS D 247 0.05 0.26 2.73
C HIS D 247 -0.62 -0.93 3.38
N SER D 248 0.13 -2.01 3.61
CA SER D 248 -0.43 -3.20 4.23
C SER D 248 -0.88 -2.95 5.65
N LEU D 249 -0.47 -1.84 6.26
CA LEU D 249 -0.92 -1.53 7.61
C LEU D 249 -2.17 -0.68 7.64
N LEU D 250 -2.59 -0.13 6.49
CA LEU D 250 -3.84 0.64 6.47
C LEU D 250 -5.03 -0.15 6.98
N PRO D 251 -5.22 -1.42 6.65
CA PRO D 251 -6.30 -2.19 7.29
C PRO D 251 -6.17 -2.24 8.80
N ALA D 252 -4.96 -2.13 9.33
CA ALA D 252 -4.77 -2.12 10.76
C ALA D 252 -4.98 -0.75 11.38
N LEU D 253 -5.05 0.32 10.58
CA LEU D 253 -5.02 1.67 11.14
C LEU D 253 -6.35 2.03 11.79
N CYS D 254 -6.29 2.50 13.04
CA CYS D 254 -7.47 3.01 13.73
C CYS D 254 -7.50 4.53 13.77
N ASP D 255 -6.43 5.17 14.25
CA ASP D 255 -6.38 6.62 14.20
C ASP D 255 -4.94 7.12 14.29
N SER D 256 -4.76 8.37 13.89
CA SER D 256 -3.48 9.07 13.94
C SER D 256 -3.77 10.44 14.52
N LYS D 257 -3.29 10.70 15.73
CA LYS D 257 -3.74 11.86 16.49
C LYS D 257 -2.66 12.94 16.54
N ILE D 258 -3.09 14.17 16.81
CA ILE D 258 -2.22 15.32 17.01
C ILE D 258 -2.60 15.93 18.36
N ARG D 259 -1.74 15.76 19.36
CA ARG D 259 -2.07 16.13 20.74
C ARG D 259 -1.71 17.58 21.00
N SER D 260 -2.48 18.46 20.36
CA SER D 260 -2.16 19.88 20.30
C SER D 260 -1.98 20.53 21.68
N LYS D 261 -2.57 19.98 22.74
CA LYS D 261 -2.56 20.66 24.03
C LYS D 261 -1.36 20.30 24.89
N ALA D 262 -0.65 19.23 24.55
CA ALA D 262 0.43 18.74 25.41
C ALA D 262 1.63 19.66 25.26
N LEU D 263 1.98 20.35 26.34
CA LEU D 263 3.04 21.33 26.31
C LEU D 263 4.39 20.70 26.64
N GLY D 264 5.43 21.50 26.60
CA GLY D 264 6.76 21.07 27.00
C GLY D 264 7.80 21.21 25.92
N SER D 265 7.42 21.61 24.71
CA SER D 265 8.31 21.65 23.56
C SER D 265 7.72 22.63 22.55
N ASP D 266 8.45 22.88 21.47
CA ASP D 266 7.84 23.60 20.35
C ASP D 266 7.20 22.67 19.34
N HIS D 267 7.26 21.35 19.56
CA HIS D 267 6.36 20.40 18.91
C HIS D 267 5.41 19.84 19.95
N CYS D 268 4.26 19.40 19.48
CA CYS D 268 3.35 18.61 20.30
C CYS D 268 3.52 17.15 19.97
N PRO D 269 2.97 16.25 20.77
CA PRO D 269 3.09 14.82 20.45
C PRO D 269 2.07 14.42 19.39
N ILE D 270 2.39 13.32 18.70
CA ILE D 270 1.44 12.63 17.83
C ILE D 270 1.30 11.18 18.29
N THR D 271 0.11 10.63 18.15
CA THR D 271 -0.14 9.28 18.62
C THR D 271 -0.83 8.45 17.56
N LEU D 272 -0.38 7.20 17.41
CA LEU D 272 -0.86 6.26 16.40
C LEU D 272 -1.47 5.03 17.08
N TYR D 273 -2.67 4.67 16.65
CA TYR D 273 -3.39 3.49 17.16
C TYR D 273 -3.49 2.48 16.03
N LEU D 274 -3.01 1.25 16.29
CA LEU D 274 -3.07 0.15 15.33
C LEU D 274 -3.79 -1.06 15.95
N ALA D 275 -4.57 -1.75 15.10
CA ALA D 275 -5.15 -3.05 15.44
C ALA D 275 -4.24 -4.11 14.82
N LEU D 276 -3.30 -4.58 15.62
CA LEU D 276 -2.40 -5.63 15.18
C LEU D 276 -2.73 -6.92 15.92
N ALA E 1 -8.58 -23.82 5.77
CA ALA E 1 -9.37 -22.86 6.53
C ALA E 1 -10.20 -21.99 5.58
N LEU E 2 -11.35 -21.53 6.04
CA LEU E 2 -12.21 -20.65 5.25
C LEU E 2 -11.77 -19.20 5.41
N TYR E 3 -12.16 -18.38 4.44
CA TYR E 3 -11.62 -17.02 4.29
C TYR E 3 -12.76 -16.02 4.19
N GLU E 4 -12.66 -14.94 4.96
CA GLU E 4 -13.52 -13.78 4.82
C GLU E 4 -12.67 -12.60 4.33
N ASP E 5 -13.05 -12.06 3.17
CA ASP E 5 -12.42 -10.85 2.61
C ASP E 5 -12.78 -9.64 3.48
N PRO E 6 -11.81 -8.77 3.76
CA PRO E 6 -12.09 -7.60 4.61
C PRO E 6 -12.92 -6.57 3.88
N PRO E 7 -13.43 -5.56 4.58
CA PRO E 7 -14.31 -4.59 3.92
C PRO E 7 -13.58 -3.78 2.87
N ASP E 8 -14.34 -3.31 1.88
CA ASP E 8 -13.79 -2.48 0.82
C ASP E 8 -13.24 -1.16 1.38
N GLN E 9 -11.94 -0.94 1.20
N GLN E 9 -11.96 -0.90 1.12
CA GLN E 9 -11.30 0.35 1.45
CA GLN E 9 -11.32 0.36 1.48
C GLN E 9 -11.44 1.21 0.19
C GLN E 9 -11.34 1.29 0.27
N LYS E 10 -12.21 2.30 0.28
CA LYS E 10 -12.51 3.10 -0.90
C LYS E 10 -11.78 4.44 -0.94
N THR E 11 -10.79 4.64 -0.09
CA THR E 11 -9.99 5.85 -0.13
C THR E 11 -8.54 5.44 -0.35
N SER E 12 -7.77 6.30 -1.00
CA SER E 12 -6.38 5.99 -1.32
C SER E 12 -5.47 6.21 -0.11
N PRO E 13 -4.17 5.81 -0.21
CA PRO E 13 -3.22 6.14 0.86
C PRO E 13 -3.14 7.61 1.22
N SER E 14 -3.60 8.50 0.34
CA SER E 14 -3.74 9.91 0.67
C SER E 14 -5.20 10.31 0.84
N GLY E 15 -6.08 9.33 1.03
CA GLY E 15 -7.47 9.65 1.28
C GLY E 15 -8.24 10.22 0.11
N LYS E 16 -7.74 10.08 -1.11
CA LYS E 16 -8.58 10.41 -2.25
C LYS E 16 -9.68 9.37 -2.37
N PRO E 17 -10.89 9.76 -2.68
CA PRO E 17 -11.96 8.77 -2.90
C PRO E 17 -11.72 7.97 -4.18
N ALA E 18 -12.03 6.67 -4.10
CA ALA E 18 -11.95 5.82 -5.28
C ALA E 18 -12.85 6.37 -6.40
N THR E 19 -12.30 6.50 -7.60
CA THR E 19 -13.04 6.98 -8.76
C THR E 19 -13.33 5.89 -9.78
N LEU E 20 -12.77 4.70 -9.63
CA LEU E 20 -12.84 3.69 -10.67
C LEU E 20 -12.91 2.32 -10.02
N LYS E 21 -13.91 1.54 -10.43
CA LYS E 21 -14.15 0.21 -9.89
C LYS E 21 -14.13 -0.77 -11.06
N ILE E 22 -13.16 -1.68 -11.04
CA ILE E 22 -12.94 -2.66 -12.10
C ILE E 22 -13.15 -4.04 -11.50
N CYS E 23 -14.02 -4.82 -12.13
CA CYS E 23 -14.30 -6.17 -11.69
C CYS E 23 -13.87 -7.13 -12.81
N SER E 24 -13.20 -8.22 -12.42
CA SER E 24 -12.72 -9.23 -13.35
C SER E 24 -13.26 -10.59 -12.92
N TRP E 25 -13.76 -11.37 -13.89
CA TRP E 25 -14.43 -12.62 -13.55
C TRP E 25 -14.20 -13.64 -14.64
N ASN E 26 -13.52 -14.71 -14.30
CA ASN E 26 -13.36 -15.84 -15.20
C ASN E 26 -14.64 -16.66 -15.09
N VAL E 27 -15.60 -16.37 -15.99
CA VAL E 27 -16.96 -16.90 -15.89
C VAL E 27 -17.08 -18.36 -16.32
N ASP E 28 -16.09 -18.91 -17.03
CA ASP E 28 -16.03 -20.32 -17.43
C ASP E 28 -17.35 -20.77 -18.07
N GLY E 29 -17.77 -20.04 -19.11
CA GLY E 29 -19.03 -20.34 -19.75
C GLY E 29 -20.03 -19.22 -19.58
N LEU E 30 -19.97 -18.23 -20.48
CA LEU E 30 -20.76 -17.01 -20.35
C LEU E 30 -22.25 -17.30 -20.27
N ARG E 31 -22.76 -18.15 -21.18
CA ARG E 31 -24.19 -18.46 -21.21
C ARG E 31 -24.64 -19.14 -19.94
N ALA E 32 -23.91 -20.18 -19.50
CA ALA E 32 -24.20 -20.81 -18.20
C ALA E 32 -24.12 -19.80 -17.07
N TRP E 33 -23.07 -18.98 -17.06
CA TRP E 33 -22.85 -18.05 -15.95
C TRP E 33 -23.99 -17.05 -15.84
N ILE E 34 -24.55 -16.65 -16.98
CA ILE E 34 -25.74 -15.79 -16.98
C ILE E 34 -26.95 -16.53 -16.39
N LYS E 35 -27.17 -17.79 -16.82
CA LYS E 35 -28.24 -18.60 -16.23
C LYS E 35 -28.08 -18.79 -14.73
N LYS E 36 -26.83 -18.78 -14.24
CA LYS E 36 -26.56 -18.93 -12.82
C LYS E 36 -26.58 -17.58 -12.07
N LYS E 37 -27.27 -16.58 -12.62
CA LYS E 37 -27.51 -15.27 -12.01
C LYS E 37 -26.27 -14.37 -11.99
N GLY E 38 -25.29 -14.63 -12.86
CA GLY E 38 -24.06 -13.86 -12.83
C GLY E 38 -24.27 -12.39 -13.13
N LEU E 39 -25.06 -12.07 -14.15
CA LEU E 39 -25.30 -10.68 -14.47
C LEU E 39 -26.03 -9.96 -13.34
N ASP E 40 -26.87 -10.68 -12.59
CA ASP E 40 -27.52 -10.09 -11.42
C ASP E 40 -26.47 -9.63 -10.42
N TRP E 41 -25.54 -10.53 -10.07
CA TRP E 41 -24.47 -10.14 -9.16
C TRP E 41 -23.67 -8.97 -9.72
N VAL E 42 -23.45 -8.95 -11.04
CA VAL E 42 -22.73 -7.83 -11.65
C VAL E 42 -23.49 -6.52 -11.40
N LYS E 43 -24.82 -6.56 -11.52
CA LYS E 43 -25.63 -5.35 -11.31
C LYS E 43 -25.55 -4.88 -9.86
N GLU E 44 -25.70 -5.79 -8.90
CA GLU E 44 -25.50 -5.43 -7.50
C GLU E 44 -24.14 -4.74 -7.29
N GLU E 45 -23.08 -5.31 -7.86
CA GLU E 45 -21.73 -4.83 -7.61
C GLU E 45 -21.42 -3.54 -8.35
N ALA E 46 -22.10 -3.29 -9.46
CA ALA E 46 -22.08 -1.99 -10.14
C ALA E 46 -20.66 -1.46 -10.45
N PRO E 47 -19.86 -2.21 -11.19
CA PRO E 47 -18.52 -1.72 -11.53
C PRO E 47 -18.53 -0.77 -12.73
N ASP E 48 -17.48 0.04 -12.80
CA ASP E 48 -17.30 0.89 -13.97
C ASP E 48 -16.77 0.12 -15.17
N ILE E 49 -15.96 -0.92 -14.93
CA ILE E 49 -15.42 -1.77 -15.98
C ILE E 49 -15.52 -3.21 -15.50
N LEU E 50 -15.93 -4.09 -16.41
CA LEU E 50 -16.14 -5.50 -16.12
C LEU E 50 -15.40 -6.30 -17.16
N CYS E 51 -14.49 -7.16 -16.71
CA CYS E 51 -13.68 -8.00 -17.60
C CYS E 51 -14.06 -9.45 -17.38
N LEU E 52 -14.32 -10.17 -18.46
CA LEU E 52 -14.69 -11.58 -18.35
C LEU E 52 -13.68 -12.47 -19.07
N GLN E 53 -13.34 -13.61 -18.47
CA GLN E 53 -12.49 -14.58 -19.14
C GLN E 53 -13.16 -15.95 -19.22
N GLN E 54 -12.66 -16.72 -20.19
CA GLN E 54 -13.16 -18.05 -20.52
C GLN E 54 -14.66 -17.98 -20.80
N THR E 55 -15.01 -17.10 -21.75
CA THR E 55 -16.41 -16.88 -22.11
C THR E 55 -17.02 -18.07 -22.85
N LYS E 56 -16.21 -18.79 -23.65
CA LYS E 56 -16.66 -19.99 -24.37
C LYS E 56 -17.96 -19.70 -25.13
N CYS E 57 -17.94 -18.62 -25.90
CA CYS E 57 -19.14 -18.14 -26.59
C CYS E 57 -18.68 -17.21 -27.70
N SER E 58 -18.95 -17.59 -28.94
CA SER E 58 -18.51 -16.74 -30.05
C SER E 58 -19.37 -15.47 -30.10
N GLU E 59 -18.94 -14.53 -30.95
CA GLU E 59 -19.62 -13.23 -30.98
C GLU E 59 -21.06 -13.37 -31.45
N ASN E 60 -21.32 -14.31 -32.37
CA ASN E 60 -22.67 -14.50 -32.88
C ASN E 60 -23.63 -14.95 -31.77
N LYS E 61 -23.17 -15.82 -30.88
CA LYS E 61 -24.07 -16.47 -29.94
C LYS E 61 -24.21 -15.73 -28.61
N LEU E 62 -23.71 -14.49 -28.52
CA LEU E 62 -23.74 -13.70 -27.30
C LEU E 62 -25.16 -13.46 -26.81
N PRO E 63 -25.49 -13.86 -25.58
CA PRO E 63 -26.87 -13.72 -25.09
C PRO E 63 -27.37 -12.29 -25.15
N ALA E 64 -28.70 -12.17 -25.16
CA ALA E 64 -29.37 -10.88 -25.29
C ALA E 64 -29.24 -10.05 -24.03
N GLU E 65 -29.29 -10.71 -22.86
CA GLU E 65 -29.18 -9.99 -21.58
C GLU E 65 -28.00 -9.02 -21.56
N LEU E 66 -26.92 -9.30 -22.30
CA LEU E 66 -25.73 -8.45 -22.30
C LEU E 66 -25.99 -7.06 -22.87
N GLN E 67 -27.02 -6.91 -23.71
CA GLN E 67 -27.41 -5.62 -24.24
C GLN E 67 -28.39 -4.88 -23.32
N GLU E 68 -28.65 -5.41 -22.12
CA GLU E 68 -29.43 -4.70 -21.12
C GLU E 68 -28.58 -4.19 -19.96
N LEU E 69 -27.29 -3.93 -20.20
CA LEU E 69 -26.41 -3.41 -19.16
C LEU E 69 -26.03 -2.00 -19.53
N PRO E 70 -26.77 -0.97 -19.08
CA PRO E 70 -26.51 0.40 -19.54
C PRO E 70 -25.33 1.06 -18.82
N GLY E 71 -24.85 0.49 -17.71
CA GLY E 71 -23.66 0.94 -17.03
C GLY E 71 -22.41 0.37 -17.64
N LEU E 72 -22.57 -0.54 -18.59
CA LEU E 72 -21.49 -1.20 -19.27
C LEU E 72 -21.81 -1.27 -20.76
N SER E 73 -22.23 -0.13 -21.32
CA SER E 73 -22.77 -0.13 -22.68
C SER E 73 -21.68 -0.41 -23.71
N HIS E 74 -20.45 0.05 -23.47
CA HIS E 74 -19.35 -0.18 -24.40
C HIS E 74 -18.76 -1.57 -24.17
N GLN E 75 -18.91 -2.47 -25.14
CA GLN E 75 -18.65 -3.90 -24.94
C GLN E 75 -17.78 -4.45 -26.07
N TYR E 76 -16.73 -5.17 -25.70
CA TYR E 76 -15.75 -5.70 -26.65
C TYR E 76 -15.49 -7.16 -26.35
N TRP E 77 -15.29 -7.94 -27.41
CA TRP E 77 -15.24 -9.39 -27.26
C TRP E 77 -14.17 -9.95 -28.19
N SER E 78 -13.53 -11.02 -27.74
CA SER E 78 -12.56 -11.71 -28.57
C SER E 78 -12.74 -13.21 -28.40
N ALA E 79 -12.88 -13.92 -29.52
CA ALA E 79 -13.08 -15.36 -29.57
C ALA E 79 -11.92 -15.98 -30.35
N PRO E 80 -11.67 -17.27 -30.17
CA PRO E 80 -10.59 -17.90 -30.92
C PRO E 80 -10.91 -17.89 -32.40
N SER E 81 -9.85 -17.81 -33.21
CA SER E 81 -10.04 -17.75 -34.65
C SER E 81 -10.74 -18.99 -35.17
N ASP E 82 -10.38 -20.18 -34.68
CA ASP E 82 -10.97 -21.37 -35.28
C ASP E 82 -11.14 -22.49 -34.23
N LYS E 83 -11.69 -22.17 -33.05
CA LYS E 83 -11.87 -23.14 -31.96
C LYS E 83 -13.12 -22.73 -31.17
N GLU E 84 -14.28 -23.19 -31.63
CA GLU E 84 -15.54 -22.77 -31.01
C GLU E 84 -15.63 -23.32 -29.59
N GLY E 85 -16.33 -22.58 -28.73
CA GLY E 85 -16.56 -23.07 -27.39
C GLY E 85 -15.37 -23.00 -26.45
N TYR E 86 -14.30 -22.32 -26.85
CA TYR E 86 -13.01 -22.39 -26.17
C TYR E 86 -12.54 -21.00 -25.84
N SER E 87 -11.94 -20.82 -24.67
CA SER E 87 -11.29 -19.55 -24.30
C SER E 87 -12.29 -18.39 -24.45
N GLY E 88 -11.90 -17.25 -25.05
CA GLY E 88 -12.77 -16.10 -25.15
C GLY E 88 -12.69 -15.12 -23.99
N VAL E 89 -12.68 -13.83 -24.27
CA VAL E 89 -12.66 -12.80 -23.25
C VAL E 89 -13.54 -11.64 -23.68
N GLY E 90 -14.00 -10.88 -22.69
CA GLY E 90 -14.79 -9.69 -22.96
C GLY E 90 -14.39 -8.55 -22.04
N LEU E 91 -14.64 -7.35 -22.54
CA LEU E 91 -14.42 -6.13 -21.77
C LEU E 91 -15.60 -5.21 -21.97
N LEU E 92 -16.33 -4.94 -20.90
CA LEU E 92 -17.47 -4.04 -20.92
C LEU E 92 -17.16 -2.82 -20.07
N SER E 93 -17.50 -1.64 -20.56
CA SER E 93 -17.08 -0.41 -19.91
C SER E 93 -18.22 0.61 -19.88
N ARG E 94 -18.29 1.38 -18.79
CA ARG E 94 -19.28 2.45 -18.67
C ARG E 94 -18.99 3.56 -19.66
N GLN E 95 -17.76 4.06 -19.67
CA GLN E 95 -17.33 5.07 -20.61
C GLN E 95 -16.61 4.38 -21.76
N ALA E 96 -16.69 4.97 -22.94
CA ALA E 96 -15.98 4.40 -24.09
C ALA E 96 -14.47 4.59 -23.93
N PRO E 97 -13.67 3.61 -24.28
CA PRO E 97 -12.21 3.81 -24.25
C PRO E 97 -11.76 4.62 -25.44
N LEU E 98 -10.57 5.20 -25.29
CA LEU E 98 -9.97 5.89 -26.42
C LEU E 98 -9.72 4.90 -27.56
N LYS E 99 -9.16 3.75 -27.24
CA LYS E 99 -8.74 2.79 -28.26
C LYS E 99 -8.83 1.40 -27.66
N VAL E 100 -9.20 0.42 -28.49
CA VAL E 100 -9.29 -0.98 -28.08
C VAL E 100 -8.50 -1.83 -29.07
N SER E 101 -7.81 -2.85 -28.55
CA SER E 101 -6.97 -3.72 -29.35
C SER E 101 -7.12 -5.17 -28.89
N TYR E 102 -7.00 -6.08 -29.85
CA TYR E 102 -7.12 -7.51 -29.60
C TYR E 102 -5.76 -8.17 -29.80
N GLY E 103 -5.42 -9.10 -28.92
CA GLY E 103 -4.14 -9.79 -29.02
C GLY E 103 -2.98 -8.92 -28.56
N ILE E 104 -1.78 -9.49 -28.68
CA ILE E 104 -0.58 -8.86 -28.16
C ILE E 104 0.41 -8.54 -29.27
N GLY E 105 -0.02 -8.63 -30.53
CA GLY E 105 0.86 -8.33 -31.63
C GLY E 105 1.77 -9.46 -32.06
N ASP E 106 1.43 -10.70 -31.75
CA ASP E 106 2.27 -11.84 -32.08
C ASP E 106 1.36 -12.93 -32.62
N GLU E 107 1.58 -13.31 -33.88
CA GLU E 107 0.63 -14.17 -34.58
C GLU E 107 0.38 -15.47 -33.84
N GLU E 108 1.45 -16.14 -33.38
CA GLU E 108 1.22 -17.45 -32.78
C GLU E 108 0.46 -17.34 -31.47
N HIS E 109 0.48 -16.19 -30.80
CA HIS E 109 -0.20 -16.06 -29.52
C HIS E 109 -1.55 -15.37 -29.60
N ASP E 110 -1.98 -14.93 -30.79
CA ASP E 110 -3.19 -14.13 -30.93
C ASP E 110 -4.36 -14.88 -31.59
N GLN E 111 -4.35 -16.21 -31.58
CA GLN E 111 -5.37 -16.96 -32.30
C GLN E 111 -6.43 -17.58 -31.39
N GLU E 112 -6.33 -17.39 -30.07
CA GLU E 112 -7.18 -18.11 -29.13
C GLU E 112 -8.04 -17.19 -28.27
N GLY E 113 -8.24 -15.93 -28.68
CA GLY E 113 -9.16 -15.03 -28.00
C GLY E 113 -8.91 -14.81 -26.51
N ARG E 114 -7.69 -14.38 -26.16
CA ARG E 114 -7.24 -14.34 -24.77
C ARG E 114 -6.95 -12.95 -24.24
N VAL E 115 -6.91 -11.92 -25.08
CA VAL E 115 -6.38 -10.63 -24.67
C VAL E 115 -7.18 -9.50 -25.28
N ILE E 116 -7.69 -8.60 -24.45
CA ILE E 116 -8.23 -7.34 -24.92
C ILE E 116 -7.49 -6.22 -24.23
N VAL E 117 -7.14 -5.18 -24.99
CA VAL E 117 -6.42 -4.02 -24.50
C VAL E 117 -7.30 -2.80 -24.70
N ALA E 118 -7.60 -2.09 -23.61
CA ALA E 118 -8.44 -0.91 -23.67
C ALA E 118 -7.64 0.25 -23.10
N GLU E 119 -7.36 1.25 -23.92
CA GLU E 119 -6.63 2.43 -23.46
C GLU E 119 -7.64 3.49 -23.03
N PHE E 120 -7.51 3.96 -21.79
CA PHE E 120 -8.27 5.09 -21.28
C PHE E 120 -7.34 6.31 -21.13
N ASP E 121 -7.90 7.39 -20.58
CA ASP E 121 -7.16 8.65 -20.46
C ASP E 121 -5.84 8.47 -19.74
N SER E 122 -5.87 7.93 -18.54
CA SER E 122 -4.69 7.95 -17.68
C SER E 122 -4.07 6.59 -17.44
N PHE E 123 -4.58 5.53 -18.07
CA PHE E 123 -3.98 4.21 -17.92
C PHE E 123 -4.48 3.31 -19.06
N VAL E 124 -3.84 2.15 -19.17
CA VAL E 124 -4.24 1.16 -20.16
C VAL E 124 -4.60 -0.12 -19.39
N LEU E 125 -5.77 -0.66 -19.69
CA LEU E 125 -6.26 -1.89 -19.08
C LEU E 125 -6.03 -3.07 -20.02
N VAL E 126 -5.41 -4.13 -19.53
CA VAL E 126 -5.31 -5.39 -20.25
C VAL E 126 -6.07 -6.43 -19.46
N THR E 127 -6.96 -7.15 -20.12
CA THR E 127 -7.56 -8.33 -19.53
C THR E 127 -7.14 -9.57 -20.31
N ALA E 128 -6.84 -10.63 -19.58
CA ALA E 128 -6.14 -11.76 -20.15
C ALA E 128 -6.65 -13.06 -19.57
N TYR E 129 -6.70 -14.07 -20.43
CA TYR E 129 -6.94 -15.45 -20.05
C TYR E 129 -5.70 -16.24 -20.50
N VAL E 130 -4.80 -16.48 -19.55
CA VAL E 130 -3.49 -17.04 -19.89
C VAL E 130 -3.62 -18.54 -20.19
N PRO E 131 -2.87 -19.08 -21.14
CA PRO E 131 -3.07 -20.50 -21.51
C PRO E 131 -2.69 -21.41 -20.35
N ASN E 132 -3.58 -22.37 -20.08
CA ASN E 132 -3.33 -23.43 -19.12
C ASN E 132 -2.23 -24.35 -19.61
N ALA E 133 -1.34 -24.75 -18.70
CA ALA E 133 -0.24 -25.62 -19.08
C ALA E 133 -0.71 -27.00 -19.49
N GLY E 134 -1.93 -27.37 -19.15
CA GLY E 134 -2.63 -28.60 -19.56
C GLY E 134 -2.42 -29.76 -18.61
N ARG E 135 -3.39 -30.68 -18.62
CA ARG E 135 -3.20 -31.93 -17.88
C ARG E 135 -1.99 -32.66 -18.45
N GLY E 136 -1.20 -33.25 -17.54
CA GLY E 136 0.05 -33.84 -17.94
C GLY E 136 1.08 -32.86 -18.46
N LEU E 137 0.80 -31.54 -18.38
CA LEU E 137 1.74 -30.50 -18.77
C LEU E 137 2.00 -30.49 -20.27
N VAL E 138 0.98 -30.87 -21.06
CA VAL E 138 1.15 -30.95 -22.51
C VAL E 138 1.48 -29.58 -23.11
N ARG E 139 0.92 -28.51 -22.56
CA ARG E 139 1.16 -27.18 -23.08
C ARG E 139 2.16 -26.37 -22.25
N LEU E 140 2.98 -27.03 -21.43
CA LEU E 140 3.93 -26.27 -20.63
C LEU E 140 4.98 -25.59 -21.51
N GLU E 141 5.53 -26.31 -22.50
CA GLU E 141 6.43 -25.69 -23.45
C GLU E 141 5.78 -24.47 -24.12
N TYR E 142 4.52 -24.62 -24.54
CA TYR E 142 3.83 -23.49 -25.14
C TYR E 142 3.68 -22.35 -24.15
N ARG E 143 3.28 -22.67 -22.92
CA ARG E 143 3.04 -21.65 -21.91
C ARG E 143 4.29 -20.83 -21.63
N GLN E 144 5.46 -21.45 -21.71
CA GLN E 144 6.68 -20.68 -21.46
C GLN E 144 6.91 -19.68 -22.56
N ARG E 145 6.65 -20.09 -23.81
CA ARG E 145 6.76 -19.14 -24.93
C ARG E 145 5.78 -18.00 -24.78
N TRP E 146 4.52 -18.31 -24.41
CA TRP E 146 3.53 -17.27 -24.17
C TRP E 146 4.01 -16.31 -23.08
N ASP E 147 4.42 -16.84 -21.93
CA ASP E 147 4.84 -16.02 -20.82
C ASP E 147 5.89 -15.01 -21.27
N GLU E 148 6.84 -15.44 -22.08
CA GLU E 148 7.88 -14.52 -22.54
C GLU E 148 7.31 -13.46 -23.48
N ALA E 149 6.47 -13.86 -24.42
CA ALA E 149 5.90 -12.91 -25.36
C ALA E 149 4.98 -11.92 -24.66
N PHE E 150 4.23 -12.39 -23.67
CA PHE E 150 3.29 -11.54 -22.94
C PHE E 150 4.04 -10.50 -22.11
N ARG E 151 5.04 -10.97 -21.36
CA ARG E 151 5.94 -10.08 -20.61
C ARG E 151 6.51 -8.98 -21.51
N LYS E 152 7.07 -9.39 -22.66
CA LYS E 152 7.68 -8.43 -23.56
C LYS E 152 6.67 -7.40 -24.04
N PHE E 153 5.43 -7.85 -24.31
CA PHE E 153 4.37 -6.95 -24.75
C PHE E 153 3.96 -5.99 -23.64
N LEU E 154 3.73 -6.50 -22.42
CA LEU E 154 3.32 -5.66 -21.31
C LEU E 154 4.40 -4.64 -20.95
N LYS E 155 5.68 -5.01 -21.12
CA LYS E 155 6.74 -4.05 -20.86
C LYS E 155 6.66 -2.86 -21.81
N GLY E 156 6.50 -3.15 -23.09
CA GLY E 156 6.27 -2.08 -24.05
C GLY E 156 5.12 -1.17 -23.63
N LEU E 157 3.98 -1.76 -23.32
CA LEU E 157 2.82 -0.93 -22.98
C LEU E 157 3.12 -0.07 -21.77
N ALA E 158 3.66 -0.67 -20.71
CA ALA E 158 3.81 0.09 -19.48
C ALA E 158 4.83 1.23 -19.64
N SER E 159 5.67 1.16 -20.69
CA SER E 159 6.60 2.25 -20.98
C SER E 159 5.90 3.46 -21.58
N ARG E 160 4.63 3.35 -21.96
CA ARG E 160 3.93 4.50 -22.53
C ARG E 160 2.83 5.04 -21.65
N LYS E 161 2.14 4.19 -20.91
CA LYS E 161 1.09 4.61 -20.02
C LYS E 161 1.14 3.71 -18.80
N PRO E 162 0.61 4.16 -17.67
CA PRO E 162 0.42 3.25 -16.54
C PRO E 162 -0.51 2.09 -16.91
N LEU E 163 -0.14 0.89 -16.48
CA LEU E 163 -0.79 -0.34 -16.93
C LEU E 163 -1.50 -1.03 -15.76
N VAL E 164 -2.74 -1.44 -16.01
CA VAL E 164 -3.47 -2.37 -15.16
C VAL E 164 -3.70 -3.65 -15.94
N LEU E 165 -3.27 -4.79 -15.37
CA LEU E 165 -3.47 -6.10 -15.98
C LEU E 165 -4.35 -6.93 -15.07
N CYS E 166 -5.45 -7.47 -15.61
CA CYS E 166 -6.33 -8.34 -14.83
C CYS E 166 -6.69 -9.61 -15.61
N GLY E 167 -7.10 -10.61 -14.87
CA GLY E 167 -7.70 -11.79 -15.46
C GLY E 167 -7.19 -13.04 -14.80
N ASN E 168 -7.39 -14.17 -15.47
CA ASN E 168 -6.92 -15.46 -15.01
C ASN E 168 -5.50 -15.63 -15.54
N LEU E 169 -4.51 -15.56 -14.65
CA LEU E 169 -3.15 -15.66 -15.12
C LEU E 169 -2.64 -17.08 -15.03
N ASN E 170 -3.47 -17.99 -14.54
CA ASN E 170 -3.22 -19.43 -14.62
C ASN E 170 -1.91 -19.82 -13.93
N VAL E 171 -1.65 -19.18 -12.80
CA VAL E 171 -0.56 -19.55 -11.94
C VAL E 171 -0.88 -19.05 -10.55
N ALA E 172 -0.64 -19.91 -9.57
CA ALA E 172 -0.55 -19.47 -8.18
C ALA E 172 0.91 -19.11 -7.92
N HIS E 173 1.18 -17.83 -7.67
CA HIS E 173 2.56 -17.36 -7.62
C HIS E 173 3.38 -18.09 -6.57
N GLU E 174 2.86 -18.17 -5.35
CA GLU E 174 3.64 -18.66 -4.22
C GLU E 174 2.81 -19.70 -3.46
N GLU E 175 3.46 -20.41 -2.54
CA GLU E 175 2.78 -21.44 -1.78
C GLU E 175 1.60 -20.90 -1.00
N ILE E 176 1.67 -19.66 -0.53
CA ILE E 176 0.52 -19.08 0.15
C ILE E 176 -0.69 -18.97 -0.77
N ASP E 177 -0.48 -19.00 -2.09
CA ASP E 177 -1.56 -18.76 -3.05
C ASP E 177 -2.37 -20.00 -3.40
N LEU E 178 -2.11 -21.15 -2.78
CA LEU E 178 -3.01 -22.28 -3.00
C LEU E 178 -3.03 -23.15 -1.75
N ARG E 179 -4.06 -24.00 -1.66
CA ARG E 179 -4.28 -24.78 -0.45
C ARG E 179 -3.32 -25.97 -0.35
N ASN E 180 -2.92 -26.53 -1.48
CA ASN E 180 -2.14 -27.78 -1.51
C ASN E 180 -0.90 -27.58 -2.37
N PRO E 181 0.01 -26.70 -1.96
CA PRO E 181 1.22 -26.51 -2.77
C PRO E 181 2.07 -27.76 -2.88
N LYS E 182 2.24 -28.49 -1.77
CA LYS E 182 3.11 -29.66 -1.75
C LYS E 182 2.73 -30.69 -2.81
N GLY E 183 1.44 -30.94 -3.00
CA GLY E 183 1.03 -31.94 -3.97
C GLY E 183 0.73 -31.43 -5.36
N ASN E 184 1.24 -30.23 -5.70
CA ASN E 184 0.89 -29.60 -6.96
C ASN E 184 2.09 -29.02 -7.70
N LYS E 185 3.31 -29.29 -7.25
CA LYS E 185 4.50 -28.73 -7.89
C LYS E 185 4.74 -29.27 -9.28
N LYS E 186 4.11 -30.38 -9.67
CA LYS E 186 4.24 -30.89 -11.02
C LYS E 186 2.96 -30.70 -11.83
N ASN E 187 1.97 -29.99 -11.29
CA ASN E 187 0.69 -29.81 -11.96
C ASN E 187 0.55 -28.40 -12.51
N ALA E 188 -0.23 -28.27 -13.58
CA ALA E 188 -0.43 -26.98 -14.23
C ALA E 188 -0.76 -25.90 -13.21
N GLY E 189 -0.15 -24.73 -13.35
CA GLY E 189 -0.46 -23.63 -12.49
C GLY E 189 0.36 -23.52 -11.23
N PHE E 190 1.18 -24.54 -10.93
CA PHE E 190 2.15 -24.43 -9.84
C PHE E 190 3.46 -25.09 -10.20
N THR E 191 3.77 -25.17 -11.49
CA THR E 191 5.10 -25.66 -11.81
C THR E 191 6.12 -24.55 -11.54
N PRO E 192 7.36 -24.92 -11.27
CA PRO E 192 8.38 -23.87 -11.09
C PRO E 192 8.51 -22.99 -12.33
N GLN E 193 8.31 -23.55 -13.54
CA GLN E 193 8.40 -22.72 -14.73
C GLN E 193 7.32 -21.66 -14.74
N GLU E 194 6.12 -22.01 -14.29
CA GLU E 194 5.03 -21.04 -14.30
C GLU E 194 5.25 -19.99 -13.22
N ARG E 195 5.72 -20.42 -12.05
CA ARG E 195 6.02 -19.50 -10.97
C ARG E 195 7.19 -18.60 -11.34
N GLN E 196 8.19 -19.13 -12.05
CA GLN E 196 9.29 -18.28 -12.48
C GLN E 196 8.80 -17.24 -13.48
N GLY E 197 7.98 -17.68 -14.43
CA GLY E 197 7.39 -16.74 -15.37
C GLY E 197 6.68 -15.59 -14.68
N PHE E 198 5.84 -15.91 -13.69
CA PHE E 198 5.12 -14.86 -12.99
C PHE E 198 6.09 -13.90 -12.30
N GLY E 199 7.07 -14.46 -11.59
CA GLY E 199 8.07 -13.62 -10.96
C GLY E 199 8.76 -12.71 -11.94
N GLU E 200 9.19 -13.26 -13.07
N GLU E 200 9.19 -13.25 -13.08
CA GLU E 200 9.86 -12.45 -14.09
CA GLU E 200 9.87 -12.42 -14.08
C GLU E 200 8.93 -11.35 -14.61
C GLU E 200 8.93 -11.35 -14.62
N LEU E 201 7.64 -11.67 -14.78
CA LEU E 201 6.68 -10.65 -15.21
C LEU E 201 6.56 -9.51 -14.19
N LEU E 202 6.49 -9.84 -12.90
CA LEU E 202 6.47 -8.81 -11.86
C LEU E 202 7.73 -7.94 -11.91
N GLN E 203 8.89 -8.55 -12.17
CA GLN E 203 10.14 -7.79 -12.15
C GLN E 203 10.34 -6.99 -13.44
N ALA E 204 10.00 -7.58 -14.59
CA ALA E 204 10.44 -7.02 -15.86
C ALA E 204 9.58 -5.86 -16.34
N VAL E 205 8.28 -5.86 -16.05
CA VAL E 205 7.42 -4.83 -16.65
C VAL E 205 7.76 -3.45 -16.09
N PRO E 206 7.80 -3.23 -14.77
CA PRO E 206 7.47 -4.13 -13.66
C PRO E 206 6.01 -3.97 -13.28
N LEU E 207 5.48 -4.91 -12.50
CA LEU E 207 4.15 -4.76 -11.93
C LEU E 207 4.15 -5.25 -10.49
N ALA E 208 3.21 -4.74 -9.72
CA ALA E 208 2.97 -5.21 -8.37
C ALA E 208 1.67 -5.99 -8.33
N ASP E 209 1.66 -7.04 -7.52
CA ASP E 209 0.49 -7.87 -7.28
C ASP E 209 -0.37 -7.10 -6.30
N SER E 210 -1.47 -6.50 -6.80
CA SER E 210 -2.24 -5.58 -5.96
C SER E 210 -2.66 -6.25 -4.66
N PHE E 211 -3.26 -7.43 -4.75
CA PHE E 211 -3.78 -8.05 -3.54
C PHE E 211 -2.66 -8.39 -2.56
N ARG E 212 -1.59 -8.99 -3.07
CA ARG E 212 -0.51 -9.40 -2.17
C ARG E 212 0.21 -8.18 -1.59
N HIS E 213 0.24 -7.07 -2.31
CA HIS E 213 0.86 -5.86 -1.79
C HIS E 213 0.11 -5.33 -0.59
N LEU E 214 -1.20 -5.55 -0.53
CA LEU E 214 -1.99 -5.05 0.60
C LEU E 214 -2.11 -6.07 1.71
N TYR E 215 -2.14 -7.36 1.36
CA TYR E 215 -2.35 -8.45 2.31
C TYR E 215 -1.22 -9.46 2.14
N PRO E 216 0.02 -9.04 2.43
CA PRO E 216 1.17 -9.88 2.05
C PRO E 216 1.26 -11.18 2.79
N ASN E 217 0.56 -11.32 3.91
CA ASN E 217 0.67 -12.51 4.75
C ASN E 217 -0.70 -13.13 5.01
N THR E 218 -1.69 -12.87 4.15
CA THR E 218 -3.03 -13.40 4.36
C THR E 218 -3.20 -14.73 3.63
N PRO E 219 -3.35 -15.84 4.35
CA PRO E 219 -3.49 -17.15 3.70
C PRO E 219 -4.95 -17.46 3.35
N TYR E 220 -5.13 -18.55 2.60
CA TYR E 220 -6.43 -19.11 2.24
C TYR E 220 -7.28 -18.15 1.42
N ALA E 221 -6.67 -17.20 0.72
CA ALA E 221 -7.40 -16.29 -0.15
C ALA E 221 -7.26 -16.80 -1.57
N TYR E 222 -8.33 -17.36 -2.13
CA TYR E 222 -8.27 -18.00 -3.45
C TYR E 222 -9.38 -17.46 -4.35
N THR E 223 -9.16 -17.59 -5.66
CA THR E 223 -10.14 -17.17 -6.66
C THR E 223 -10.71 -18.32 -7.46
N PHE E 224 -10.21 -19.54 -7.27
CA PHE E 224 -10.65 -20.69 -8.04
C PHE E 224 -10.69 -21.91 -7.12
N TRP E 225 -11.70 -22.77 -7.33
CA TRP E 225 -11.77 -24.07 -6.69
C TRP E 225 -12.29 -25.06 -7.73
N THR E 226 -11.72 -26.25 -7.77
CA THR E 226 -12.20 -27.23 -8.72
C THR E 226 -13.66 -27.60 -8.42
N TYR E 227 -14.44 -27.80 -9.48
CA TYR E 227 -15.82 -28.25 -9.29
C TYR E 227 -15.88 -29.59 -8.56
N MET E 228 -14.85 -30.43 -8.70
CA MET E 228 -14.88 -31.74 -8.08
C MET E 228 -14.58 -31.66 -6.57
N MET E 229 -14.83 -32.78 -5.90
CA MET E 229 -14.46 -33.03 -4.51
C MET E 229 -15.01 -31.98 -3.54
N ASN E 230 -16.06 -31.26 -3.91
CA ASN E 230 -16.64 -30.23 -3.04
C ASN E 230 -15.55 -29.27 -2.57
N ALA E 231 -14.62 -28.96 -3.46
CA ALA E 231 -13.43 -28.21 -3.07
C ALA E 231 -13.79 -26.80 -2.57
N ARG E 232 -14.79 -26.16 -3.18
CA ARG E 232 -15.10 -24.81 -2.77
C ARG E 232 -15.66 -24.76 -1.36
N SER E 233 -16.56 -25.69 -1.03
CA SER E 233 -17.12 -25.72 0.33
C SER E 233 -16.03 -25.98 1.37
N LYS E 234 -14.95 -26.64 0.97
CA LYS E 234 -13.79 -26.84 1.82
C LYS E 234 -12.73 -25.73 1.66
N ASN E 235 -12.97 -24.72 0.80
CA ASN E 235 -12.00 -23.67 0.49
C ASN E 235 -10.63 -24.25 0.12
N VAL E 236 -10.63 -25.41 -0.53
CA VAL E 236 -9.42 -25.96 -1.10
C VAL E 236 -9.29 -25.33 -2.48
N GLY E 237 -8.58 -24.20 -2.57
CA GLY E 237 -8.56 -23.43 -3.80
C GLY E 237 -7.20 -22.89 -4.17
N TRP E 238 -7.17 -22.18 -5.30
CA TRP E 238 -5.99 -21.46 -5.82
C TRP E 238 -6.33 -19.99 -6.10
N ARG E 239 -5.38 -19.11 -5.82
CA ARG E 239 -5.46 -17.72 -6.28
C ARG E 239 -4.83 -17.64 -7.67
N LEU E 240 -5.69 -17.44 -8.68
CA LEU E 240 -5.28 -17.45 -10.08
C LEU E 240 -5.64 -16.16 -10.78
N ASP E 241 -6.51 -15.38 -10.18
CA ASP E 241 -7.05 -14.19 -10.79
C ASP E 241 -6.46 -12.99 -10.06
N TYR E 242 -5.83 -12.08 -10.80
CA TYR E 242 -5.06 -10.99 -10.21
C TYR E 242 -5.43 -9.66 -10.86
N PHE E 243 -5.16 -8.59 -10.11
CA PHE E 243 -4.94 -7.25 -10.64
C PHE E 243 -3.47 -6.91 -10.45
N LEU E 244 -2.72 -6.84 -11.53
CA LEU E 244 -1.34 -6.39 -11.49
C LEU E 244 -1.29 -4.94 -11.92
N LEU E 245 -0.59 -4.09 -11.16
CA LEU E 245 -0.52 -2.66 -11.44
C LEU E 245 0.90 -2.19 -11.67
N SER E 246 1.06 -1.23 -12.58
CA SER E 246 2.27 -0.41 -12.60
C SER E 246 2.50 0.21 -11.24
N HIS E 247 3.77 0.29 -10.83
CA HIS E 247 4.11 0.81 -9.51
C HIS E 247 3.63 2.25 -9.32
N SER E 248 3.60 3.03 -10.40
CA SER E 248 3.08 4.39 -10.29
C SER E 248 1.63 4.42 -9.82
N LEU E 249 0.85 3.37 -10.13
CA LEU E 249 -0.53 3.35 -9.68
C LEU E 249 -0.68 2.92 -8.21
N LEU E 250 0.40 2.48 -7.55
CA LEU E 250 0.24 2.03 -6.17
C LEU E 250 -0.32 3.09 -5.23
N PRO E 251 0.08 4.37 -5.30
CA PRO E 251 -0.59 5.37 -4.46
C PRO E 251 -1.98 5.71 -4.94
N ALA E 252 -2.41 5.18 -6.09
CA ALA E 252 -3.81 5.25 -6.47
C ALA E 252 -4.61 4.05 -5.97
N LEU E 253 -3.95 3.06 -5.41
CA LEU E 253 -4.59 1.80 -5.04
C LEU E 253 -5.39 1.99 -3.77
N CYS E 254 -6.69 1.75 -3.84
CA CYS E 254 -7.53 1.78 -2.65
C CYS E 254 -7.78 0.39 -2.10
N ASP E 255 -8.07 -0.57 -2.96
CA ASP E 255 -8.24 -1.91 -2.43
C ASP E 255 -8.29 -2.90 -3.59
N SER E 256 -8.07 -4.18 -3.24
CA SER E 256 -8.11 -5.27 -4.20
C SER E 256 -8.87 -6.39 -3.51
N LYS E 257 -10.05 -6.73 -4.04
CA LYS E 257 -10.97 -7.62 -3.33
C LYS E 257 -11.08 -8.99 -3.97
N ILE E 258 -11.45 -9.96 -3.15
CA ILE E 258 -11.83 -11.29 -3.59
C ILE E 258 -13.29 -11.47 -3.20
N ARG E 259 -14.16 -11.59 -4.19
CA ARG E 259 -15.60 -11.71 -3.96
C ARG E 259 -15.95 -13.19 -3.79
N SER E 260 -15.55 -13.72 -2.64
CA SER E 260 -15.58 -15.14 -2.40
C SER E 260 -16.97 -15.74 -2.47
N LYS E 261 -18.03 -14.95 -2.21
CA LYS E 261 -19.35 -15.55 -2.07
C LYS E 261 -20.18 -15.51 -3.34
N ALA E 262 -19.72 -14.86 -4.41
CA ALA E 262 -20.47 -14.81 -5.65
C ALA E 262 -20.28 -16.13 -6.40
N LEU E 263 -21.39 -16.82 -6.67
CA LEU E 263 -21.39 -18.10 -7.37
C LEU E 263 -21.62 -17.90 -8.85
N GLY E 264 -21.44 -18.98 -9.62
CA GLY E 264 -21.72 -18.91 -11.03
C GLY E 264 -20.62 -19.49 -11.92
N SER E 265 -19.51 -19.91 -11.32
CA SER E 265 -18.35 -20.39 -12.06
C SER E 265 -17.48 -21.18 -11.09
N ASP E 266 -16.37 -21.72 -11.58
CA ASP E 266 -15.38 -22.23 -10.63
C ASP E 266 -14.34 -21.18 -10.27
N HIS E 267 -14.49 -19.95 -10.78
CA HIS E 267 -13.78 -18.80 -10.26
C HIS E 267 -14.77 -17.83 -9.64
N CYS E 268 -14.33 -17.11 -8.58
CA CYS E 268 -15.10 -15.99 -8.08
C CYS E 268 -14.57 -14.69 -8.67
N PRO E 269 -15.36 -13.61 -8.65
CA PRO E 269 -14.88 -12.33 -9.20
C PRO E 269 -13.88 -11.67 -8.27
N ILE E 270 -13.03 -10.81 -8.85
CA ILE E 270 -12.14 -9.93 -8.12
C ILE E 270 -12.46 -8.49 -8.51
N THR E 271 -12.22 -7.57 -7.58
CA THR E 271 -12.59 -6.18 -7.79
C THR E 271 -11.46 -5.25 -7.36
N LEU E 272 -11.22 -4.22 -8.16
CA LEU E 272 -10.12 -3.29 -7.97
C LEU E 272 -10.69 -1.88 -7.85
N TYR E 273 -10.28 -1.16 -6.79
CA TYR E 273 -10.68 0.23 -6.56
C TYR E 273 -9.48 1.15 -6.74
N LEU E 274 -9.57 2.07 -7.68
CA LEU E 274 -8.50 3.04 -7.88
C LEU E 274 -9.05 4.44 -7.67
N ALA E 275 -8.18 5.34 -7.20
CA ALA E 275 -8.45 6.76 -7.13
C ALA E 275 -7.63 7.39 -8.26
N LEU E 276 -8.27 7.64 -9.39
CA LEU E 276 -7.57 8.18 -10.54
C LEU E 276 -8.00 9.61 -10.76
#